data_5J4Y
#
_entry.id   5J4Y
#
_cell.length_a   109.250
_cell.length_b   109.250
_cell.length_c   66.670
_cell.angle_alpha   90.000
_cell.angle_beta   90.000
_cell.angle_gamma   120.000
#
_symmetry.space_group_name_H-M   'P 6'
#
loop_
_entity.id
_entity.type
_entity.pdbx_description
1 polymer 'Large T antigen'
2 non-polymer 'ZINC ION'
3 non-polymer '2-(N-MORPHOLINO)-ETHANESULFONIC ACID'
4 non-polymer 'SULFATE ION'
5 non-polymer N-{4-[2-([1,3]thiazolo[5,4-c]pyridin-2-yl)phenoxy]phenyl}acetamide
6 water water
#
_entity_poly.entity_id   1
_entity_poly.type   'polypeptide(L)'
_entity_poly.pdbx_seq_one_letter_code
;GSHMEEPEETKQVSWKLVTQYALDTKCEDVFLLMGMYLNFQEAPAACAACAAADQPNHFNHHEKHYYNAQIFADSKNQKS
ICQQAVDTVAAKQRVDSLHMTREEMLVERFNFLLDKMDLIFGAHGNAVLEQYMAGVAWIHCLLPQMDTVIYEFLKCIVLN
IPKKRYWLFKGPIDSGKTTLAAALLDLCGGKSLNVNMPLERLNFELGVGIDQFMVVFEDVKGTGAESRDLPSGHGISNLD
CLRDYLDGSVKVNLERKHQNKRTQVFPPGIVTMNEYSVPRTLQARFVRQIDFRPKAYLRKSLSCSEYLLEKRILQSGMTL
LLLLIWFRPVADFAAAIHERIVQWKERLDLEISMYTFSTMKANVGMGAPILD
;
_entity_poly.pdbx_strand_id   A
#
loop_
_chem_comp.id
_chem_comp.type
_chem_comp.name
_chem_comp.formula
6JG non-polymer N-{4-[2-([1,3]thiazolo[5,4-c]pyridin-2-yl)phenoxy]phenyl}acetamide 'C20 H15 N3 O2 S'
MES non-polymer '2-(N-MORPHOLINO)-ETHANESULFONIC ACID' 'C6 H13 N O4 S'
SO4 non-polymer 'SULFATE ION' 'O4 S -2'
ZN non-polymer 'ZINC ION' 'Zn 2'
#
# COMPACT_ATOMS: atom_id res chain seq x y z
N THR A 10 -3.77 9.42 43.34
CA THR A 10 -2.97 8.52 42.50
C THR A 10 -2.76 9.10 41.09
N LYS A 11 -1.52 8.91 40.54
CA LYS A 11 -1.09 9.37 39.21
C LYS A 11 -2.06 8.88 38.13
N GLN A 12 -2.49 9.80 37.24
CA GLN A 12 -3.44 9.51 36.16
C GLN A 12 -2.83 9.66 34.77
N VAL A 13 -3.04 8.64 33.92
CA VAL A 13 -2.54 8.61 32.55
C VAL A 13 -3.42 9.46 31.64
N SER A 14 -2.79 10.23 30.76
CA SER A 14 -3.46 11.03 29.75
C SER A 14 -3.84 10.14 28.57
N TRP A 15 -5.11 9.83 28.50
CA TRP A 15 -5.72 9.07 27.44
C TRP A 15 -5.52 9.83 26.13
N LYS A 16 -5.58 11.17 26.20
CA LYS A 16 -5.44 12.13 25.10
C LYS A 16 -4.05 12.02 24.48
N LEU A 17 -3.00 11.84 25.33
CA LEU A 17 -1.64 11.64 24.84
C LEU A 17 -1.46 10.28 24.14
N VAL A 18 -2.07 9.18 24.65
CA VAL A 18 -1.99 7.88 23.98
C VAL A 18 -2.69 7.95 22.59
N THR A 19 -3.83 8.67 22.53
CA THR A 19 -4.61 8.88 21.32
C THR A 19 -3.78 9.66 20.31
N GLN A 20 -3.03 10.65 20.78
CA GLN A 20 -2.20 11.50 19.94
C GLN A 20 -1.14 10.65 19.26
N TYR A 21 -0.50 9.74 20.03
CA TYR A 21 0.51 8.81 19.51
C TYR A 21 -0.09 7.86 18.42
N ALA A 22 -1.28 7.27 18.70
CA ALA A 22 -2.01 6.40 17.77
C ALA A 22 -2.36 7.16 16.48
N LEU A 23 -2.86 8.41 16.63
CA LEU A 23 -3.13 9.30 15.50
C LEU A 23 -1.87 9.58 14.67
N ASP A 24 -0.73 9.85 15.36
CA ASP A 24 0.52 10.12 14.65
C ASP A 24 0.98 8.95 13.82
N THR A 25 0.79 7.72 14.31
CA THR A 25 1.30 6.51 13.67
C THR A 25 0.27 5.78 12.84
N LYS A 26 -0.96 6.35 12.71
CA LYS A 26 -2.11 5.77 12.01
C LYS A 26 -2.40 4.34 12.56
N CYS A 27 -2.26 4.18 13.91
CA CYS A 27 -2.43 2.88 14.59
C CYS A 27 -3.86 2.37 14.65
N GLU A 28 -4.09 1.19 14.05
CA GLU A 28 -5.38 0.49 13.98
C GLU A 28 -5.40 -0.76 14.85
N ASP A 29 -4.28 -1.09 15.53
CA ASP A 29 -4.11 -2.29 16.37
C ASP A 29 -3.95 -1.91 17.86
N VAL A 30 -4.89 -2.39 18.71
CA VAL A 30 -4.91 -2.19 20.16
C VAL A 30 -3.69 -2.86 20.85
N PHE A 31 -3.35 -4.09 20.42
CA PHE A 31 -2.22 -4.80 20.99
C PHE A 31 -0.90 -4.17 20.61
N LEU A 32 -0.73 -3.74 19.35
CA LEU A 32 0.50 -3.07 18.96
C LEU A 32 0.63 -1.70 19.64
N LEU A 33 -0.49 -1.02 19.89
CA LEU A 33 -0.46 0.26 20.57
C LEU A 33 -0.03 0.12 22.03
N MET A 34 -0.55 -0.91 22.72
CA MET A 34 -0.22 -1.28 24.09
C MET A 34 1.27 -1.53 24.18
N GLY A 35 1.77 -2.39 23.28
CA GLY A 35 3.18 -2.77 23.18
C GLY A 35 4.09 -1.58 22.91
N MET A 36 3.79 -0.81 21.82
CA MET A 36 4.53 0.41 21.46
C MET A 36 4.58 1.43 22.61
N TYR A 37 3.42 1.73 23.23
CA TYR A 37 3.35 2.68 24.36
C TYR A 37 4.11 2.21 25.62
N LEU A 38 4.13 0.90 25.89
CA LEU A 38 4.88 0.34 27.03
C LEU A 38 6.40 0.49 26.89
N ASN A 39 6.95 0.36 25.67
CA ASN A 39 8.39 0.46 25.41
C ASN A 39 8.99 1.86 25.65
N PHE A 40 8.12 2.86 25.82
CA PHE A 40 8.48 4.25 26.12
C PHE A 40 8.77 4.49 27.61
N GLN A 41 8.52 3.50 28.47
CA GLN A 41 8.67 3.67 29.92
C GLN A 41 10.14 3.68 30.40
N GLU A 42 11.07 3.10 29.61
CA GLU A 42 12.49 3.08 29.93
C GLU A 42 13.11 4.45 29.68
N ALA A 43 14.17 4.81 30.47
CA ALA A 43 14.89 6.10 30.40
C ALA A 43 15.50 6.31 29.01
N PRO A 44 15.24 7.46 28.34
CA PRO A 44 15.81 7.66 27.00
C PRO A 44 17.33 7.84 27.00
N ALA A 45 17.92 8.21 28.15
CA ALA A 45 19.36 8.40 28.34
C ALA A 45 20.13 7.07 28.49
N ALA A 46 19.40 5.98 28.87
CA ALA A 46 19.94 4.63 29.07
C ALA A 46 19.25 3.58 28.16
N CYS A 47 18.31 4.04 27.30
CA CYS A 47 17.56 3.19 26.37
C CYS A 47 18.42 2.75 25.20
N ALA A 48 18.21 1.49 24.75
CA ALA A 48 18.93 0.90 23.63
C ALA A 48 18.33 1.32 22.28
N ALA A 49 16.98 1.26 22.14
CA ALA A 49 16.23 1.61 20.93
C ALA A 49 16.23 3.13 20.63
N CYS A 50 16.58 3.96 21.64
CA CYS A 50 16.65 5.42 21.52
C CYS A 50 17.90 5.84 20.75
N ALA A 51 19.10 5.38 21.22
CA ALA A 51 20.42 5.67 20.65
C ALA A 51 20.68 4.99 19.30
N ALA A 52 20.10 3.79 19.09
CA ALA A 52 20.23 3.01 17.86
C ALA A 52 19.43 3.61 16.70
N ALA A 53 18.33 4.35 17.04
CA ALA A 53 17.39 5.03 16.13
C ALA A 53 16.86 4.10 15.02
N ASP A 54 16.19 3.00 15.45
CA ASP A 54 15.63 1.98 14.57
C ASP A 54 14.17 2.24 14.19
N GLN A 55 13.34 2.75 15.12
CA GLN A 55 11.94 3.06 14.87
C GLN A 55 11.66 4.58 14.99
N PRO A 56 10.97 5.24 14.01
CA PRO A 56 10.74 6.70 14.14
C PRO A 56 9.66 7.00 15.18
N ASN A 57 8.74 6.04 15.36
CA ASN A 57 7.64 6.04 16.31
C ASN A 57 8.17 5.74 17.73
N HIS A 58 9.52 5.65 17.90
CA HIS A 58 10.17 5.38 19.18
C HIS A 58 10.93 6.59 19.73
N PHE A 59 12.05 7.05 19.09
CA PHE A 59 12.88 8.16 19.61
C PHE A 59 12.25 9.56 19.53
N ASN A 60 11.42 9.83 18.50
CA ASN A 60 10.78 11.14 18.31
C ASN A 60 9.63 11.38 19.31
N HIS A 61 8.99 10.28 19.72
CA HIS A 61 7.87 10.27 20.63
C HIS A 61 8.30 9.87 22.04
N HIS A 62 9.50 9.26 22.19
CA HIS A 62 10.01 8.80 23.49
C HIS A 62 10.00 9.88 24.54
N GLU A 63 10.50 11.07 24.20
CA GLU A 63 10.51 12.19 25.13
C GLU A 63 9.08 12.63 25.45
N LYS A 64 8.23 12.83 24.42
CA LYS A 64 6.83 13.27 24.59
C LYS A 64 5.96 12.31 25.41
N HIS A 65 6.19 10.98 25.33
CA HIS A 65 5.36 9.97 25.98
C HIS A 65 6.01 9.21 27.15
N TYR A 66 7.30 9.47 27.47
CA TYR A 66 8.08 8.81 28.53
C TYR A 66 7.39 8.79 29.91
N TYR A 67 7.03 9.96 30.47
CA TYR A 67 6.37 10.07 31.78
C TYR A 67 4.99 9.43 31.78
N ASN A 68 4.21 9.67 30.72
CA ASN A 68 2.88 9.08 30.57
C ASN A 68 2.98 7.56 30.45
N ALA A 69 4.04 7.03 29.79
CA ALA A 69 4.27 5.60 29.61
C ALA A 69 4.57 4.91 30.93
N GLN A 70 5.23 5.63 31.85
CA GLN A 70 5.56 5.11 33.18
C GLN A 70 4.28 4.95 33.97
N ILE A 71 3.38 5.99 33.92
CA ILE A 71 2.04 6.01 34.51
C ILE A 71 1.20 4.88 33.89
N PHE A 72 1.20 4.79 32.56
CA PHE A 72 0.53 3.74 31.80
C PHE A 72 0.99 2.34 32.29
N ALA A 73 2.30 2.13 32.54
CA ALA A 73 2.84 0.86 33.03
C ALA A 73 2.21 0.42 34.39
N ASP A 74 1.59 1.40 35.11
CA ASP A 74 0.93 1.22 36.42
C ASP A 74 -0.61 1.17 36.34
N SER A 75 -1.18 1.36 35.13
CA SER A 75 -2.61 1.31 34.91
C SER A 75 -3.20 -0.12 35.05
N LYS A 76 -4.43 -0.18 35.56
CA LYS A 76 -5.23 -1.37 35.77
C LYS A 76 -6.26 -1.45 34.63
N ASN A 77 -6.10 -0.61 33.63
CA ASN A 77 -7.05 -0.42 32.54
C ASN A 77 -6.37 -0.01 31.21
N GLN A 78 -5.24 -0.66 30.85
CA GLN A 78 -4.44 -0.44 29.63
C GLN A 78 -5.19 -0.67 28.31
N LYS A 79 -5.94 -1.81 28.20
CA LYS A 79 -6.68 -2.20 26.99
C LYS A 79 -7.76 -1.18 26.60
N SER A 80 -8.48 -0.61 27.60
CA SER A 80 -9.54 0.39 27.38
C SER A 80 -8.96 1.69 26.84
N ILE A 81 -7.81 2.10 27.41
CA ILE A 81 -7.09 3.30 26.99
C ILE A 81 -6.73 3.18 25.52
N CYS A 82 -6.22 2.03 25.11
CA CYS A 82 -5.84 1.75 23.73
C CYS A 82 -7.02 1.55 22.77
N GLN A 83 -8.16 1.04 23.29
CA GLN A 83 -9.41 0.90 22.52
C GLN A 83 -9.94 2.29 22.07
N GLN A 84 -10.00 3.27 23.00
CA GLN A 84 -10.44 4.62 22.64
C GLN A 84 -9.48 5.29 21.68
N ALA A 85 -8.14 5.04 21.82
CA ALA A 85 -7.13 5.59 20.90
C ALA A 85 -7.33 5.05 19.49
N VAL A 86 -7.51 3.75 19.34
CA VAL A 86 -7.73 3.05 18.09
C VAL A 86 -9.09 3.46 17.48
N ASP A 87 -10.14 3.62 18.30
CA ASP A 87 -11.45 4.12 17.89
C ASP A 87 -11.39 5.54 17.33
N THR A 88 -10.62 6.45 17.95
CA THR A 88 -10.39 7.84 17.50
C THR A 88 -9.71 7.82 16.14
N VAL A 89 -8.77 6.89 15.90
CA VAL A 89 -8.12 6.71 14.60
C VAL A 89 -9.21 6.27 13.58
N ALA A 90 -10.07 5.30 13.94
CA ALA A 90 -11.16 4.86 13.04
C ALA A 90 -12.15 6.05 12.74
N ALA A 91 -12.46 6.86 13.78
CA ALA A 91 -13.30 8.05 13.73
C ALA A 91 -12.69 9.12 12.77
N LYS A 92 -11.33 9.31 12.79
CA LYS A 92 -10.60 10.21 11.89
C LYS A 92 -10.82 9.81 10.43
N GLN A 93 -10.61 8.52 10.12
CA GLN A 93 -10.85 7.96 8.78
C GLN A 93 -12.28 8.17 8.27
N ARG A 94 -13.31 8.08 9.16
CA ARG A 94 -14.70 8.32 8.75
C ARG A 94 -14.93 9.75 8.32
N VAL A 95 -14.38 10.70 9.09
CA VAL A 95 -14.51 12.13 8.80
C VAL A 95 -13.77 12.42 7.51
N ASP A 96 -12.54 11.88 7.40
CA ASP A 96 -11.70 12.02 6.21
C ASP A 96 -12.41 11.50 4.98
N SER A 97 -12.91 10.25 5.01
CA SER A 97 -13.63 9.68 3.88
C SER A 97 -14.81 10.57 3.36
N LEU A 98 -15.39 11.44 4.23
CA LEU A 98 -16.50 12.34 3.84
C LEU A 98 -16.14 13.83 3.66
N HIS A 99 -15.02 14.31 4.26
CA HIS A 99 -14.63 15.73 4.23
C HIS A 99 -13.24 16.00 3.64
N MET A 100 -12.51 14.94 3.32
CA MET A 100 -11.21 15.07 2.74
C MET A 100 -11.28 14.74 1.24
N THR A 101 -10.57 15.54 0.43
CA THR A 101 -10.50 15.28 -1.01
C THR A 101 -9.58 14.09 -1.18
N ARG A 102 -9.88 13.25 -2.15
CA ARG A 102 -9.07 12.08 -2.49
C ARG A 102 -7.60 12.43 -2.84
N GLU A 103 -7.32 13.70 -3.23
CA GLU A 103 -5.96 14.20 -3.48
C GLU A 103 -5.21 14.27 -2.12
N GLU A 104 -5.85 14.89 -1.08
CA GLU A 104 -5.29 15.02 0.28
C GLU A 104 -5.11 13.62 0.88
N MET A 105 -5.97 12.65 0.49
CA MET A 105 -5.89 11.27 0.97
C MET A 105 -4.63 10.61 0.44
N LEU A 106 -4.23 10.89 -0.82
CA LEU A 106 -3.02 10.31 -1.38
C LEU A 106 -1.75 11.01 -0.83
N VAL A 107 -1.79 12.35 -0.55
CA VAL A 107 -0.68 13.12 0.06
C VAL A 107 -0.32 12.54 1.44
N GLU A 108 -1.33 12.11 2.18
CA GLU A 108 -1.20 11.49 3.50
C GLU A 108 -0.45 10.17 3.37
N ARG A 109 -0.87 9.36 2.38
CA ARG A 109 -0.27 8.06 2.12
C ARG A 109 1.17 8.23 1.74
N PHE A 110 1.45 9.22 0.88
CA PHE A 110 2.78 9.60 0.41
C PHE A 110 3.67 10.04 1.56
N ASN A 111 3.19 10.98 2.41
CA ASN A 111 3.95 11.44 3.58
C ASN A 111 4.33 10.27 4.51
N PHE A 112 3.40 9.27 4.64
CA PHE A 112 3.58 8.07 5.45
C PHE A 112 4.73 7.23 4.90
N LEU A 113 4.72 7.00 3.56
CA LEU A 113 5.73 6.21 2.85
C LEU A 113 7.09 6.86 2.89
N LEU A 114 7.13 8.22 2.83
CA LEU A 114 8.38 8.99 2.90
C LEU A 114 9.02 8.94 4.29
N ASP A 115 8.22 8.81 5.38
CA ASP A 115 8.75 8.72 6.76
C ASP A 115 9.55 7.39 6.94
N LYS A 116 8.97 6.29 6.44
CA LYS A 116 9.52 4.93 6.40
C LYS A 116 10.79 4.94 5.49
N MET A 117 10.77 5.72 4.37
CA MET A 117 11.86 5.92 3.41
C MET A 117 13.03 6.65 4.08
N ASP A 118 12.75 7.85 4.67
CA ASP A 118 13.68 8.68 5.43
C ASP A 118 14.39 7.87 6.52
N LEU A 119 13.64 6.98 7.20
CA LEU A 119 14.16 6.10 8.24
C LEU A 119 15.20 5.07 7.74
N ILE A 120 14.77 4.13 6.87
CA ILE A 120 15.56 2.99 6.37
C ILE A 120 16.78 3.39 5.51
N PHE A 121 16.71 4.50 4.76
CA PHE A 121 17.86 4.90 3.95
C PHE A 121 18.80 5.85 4.69
N GLY A 122 18.36 6.31 5.87
CA GLY A 122 19.11 7.21 6.75
C GLY A 122 20.27 6.54 7.46
N ALA A 123 21.16 7.36 8.05
CA ALA A 123 22.40 6.98 8.74
C ALA A 123 22.20 6.09 10.01
N HIS A 124 20.97 5.58 10.22
CA HIS A 124 20.59 4.68 11.31
C HIS A 124 19.65 3.57 10.79
N GLY A 125 19.47 3.53 9.47
CA GLY A 125 18.69 2.52 8.76
C GLY A 125 19.59 1.43 8.19
N ASN A 126 18.99 0.35 7.63
CA ASN A 126 19.79 -0.76 7.10
C ASN A 126 19.65 -0.98 5.57
N ALA A 127 18.50 -0.57 4.96
CA ALA A 127 18.23 -0.72 3.52
C ALA A 127 19.21 0.05 2.62
N VAL A 128 19.52 -0.53 1.45
CA VAL A 128 20.45 0.03 0.45
C VAL A 128 19.63 0.65 -0.69
N LEU A 129 19.78 1.97 -0.89
CA LEU A 129 19.03 2.75 -1.89
C LEU A 129 19.23 2.31 -3.34
N GLU A 130 20.49 1.94 -3.71
CA GLU A 130 20.90 1.46 -5.03
C GLU A 130 20.10 0.20 -5.42
N GLN A 131 19.72 -0.62 -4.41
CA GLN A 131 18.96 -1.85 -4.57
C GLN A 131 17.49 -1.53 -4.87
N TYR A 132 16.96 -0.49 -4.24
CA TYR A 132 15.60 -0.05 -4.51
C TYR A 132 15.52 0.54 -5.91
N MET A 133 16.56 1.27 -6.33
CA MET A 133 16.63 1.85 -7.68
C MET A 133 16.79 0.76 -8.76
N ALA A 134 17.34 -0.43 -8.37
CA ALA A 134 17.42 -1.59 -9.26
C ALA A 134 16.00 -2.20 -9.39
N GLY A 135 15.17 -2.04 -8.34
CA GLY A 135 13.78 -2.46 -8.33
C GLY A 135 12.96 -1.62 -9.30
N VAL A 136 13.19 -0.29 -9.25
CA VAL A 136 12.60 0.72 -10.15
C VAL A 136 12.93 0.36 -11.62
N ALA A 137 14.20 0.02 -11.92
CA ALA A 137 14.65 -0.44 -13.24
C ALA A 137 13.77 -1.61 -13.74
N TRP A 138 13.72 -2.71 -12.95
CA TRP A 138 12.93 -3.91 -13.19
C TRP A 138 11.47 -3.58 -13.46
N ILE A 139 10.82 -2.83 -12.54
CA ILE A 139 9.42 -2.39 -12.62
C ILE A 139 9.20 -1.55 -13.90
N HIS A 140 10.16 -0.65 -14.22
CA HIS A 140 10.06 0.23 -15.40
C HIS A 140 10.19 -0.53 -16.72
N CYS A 141 10.67 -1.81 -16.65
CA CYS A 141 10.81 -2.74 -17.76
C CYS A 141 9.57 -3.61 -17.93
N LEU A 142 8.76 -3.79 -16.87
CA LEU A 142 7.59 -4.66 -16.84
C LEU A 142 6.53 -4.29 -17.90
N LEU A 143 6.29 -2.99 -18.09
CA LEU A 143 5.37 -2.48 -19.12
C LEU A 143 5.96 -1.23 -19.77
N PRO A 144 5.70 -0.95 -21.07
CA PRO A 144 6.19 0.31 -21.64
C PRO A 144 5.43 1.49 -21.03
N GLN A 145 6.09 2.66 -20.98
CA GLN A 145 5.58 3.92 -20.44
C GLN A 145 5.10 3.76 -18.98
N MET A 146 5.79 2.86 -18.23
CA MET A 146 5.47 2.45 -16.86
C MET A 146 5.20 3.63 -15.91
N ASP A 147 6.12 4.61 -15.85
CA ASP A 147 5.99 5.81 -15.04
C ASP A 147 4.65 6.54 -15.35
N THR A 148 4.20 6.45 -16.62
CA THR A 148 2.93 7.04 -17.07
C THR A 148 1.77 6.10 -16.78
N VAL A 149 2.00 4.77 -16.84
CA VAL A 149 0.98 3.77 -16.49
C VAL A 149 0.60 3.89 -14.98
N ILE A 150 1.62 4.05 -14.09
CA ILE A 150 1.43 4.26 -12.65
C ILE A 150 0.70 5.60 -12.42
N TYR A 151 1.13 6.69 -13.12
CA TYR A 151 0.52 8.03 -13.01
C TYR A 151 -0.95 8.02 -13.49
N GLU A 152 -1.26 7.30 -14.60
CA GLU A 152 -2.66 7.17 -15.07
C GLU A 152 -3.49 6.39 -14.05
N PHE A 153 -2.88 5.42 -13.32
CA PHE A 153 -3.62 4.65 -12.32
C PHE A 153 -4.05 5.55 -11.14
N LEU A 154 -3.09 6.34 -10.60
CA LEU A 154 -3.31 7.29 -9.51
C LEU A 154 -4.36 8.34 -9.86
N LYS A 155 -4.38 8.85 -11.13
CA LYS A 155 -5.39 9.83 -11.61
C LYS A 155 -6.75 9.17 -11.52
N CYS A 156 -6.84 7.96 -12.09
CA CYS A 156 -8.04 7.14 -12.13
C CYS A 156 -8.60 6.89 -10.72
N ILE A 157 -7.74 6.51 -9.76
CA ILE A 157 -8.14 6.21 -8.39
C ILE A 157 -8.51 7.47 -7.62
N VAL A 158 -7.77 8.59 -7.85
CA VAL A 158 -8.04 9.85 -7.16
C VAL A 158 -9.34 10.45 -7.68
N LEU A 159 -9.49 10.56 -9.02
CA LEU A 159 -10.70 11.14 -9.62
C LEU A 159 -11.95 10.31 -9.29
N ASN A 160 -11.85 8.97 -9.23
CA ASN A 160 -12.92 8.02 -8.79
C ASN A 160 -14.24 8.16 -9.59
N ILE A 161 -14.13 8.38 -10.92
CA ILE A 161 -15.22 8.55 -11.88
C ILE A 161 -16.01 7.24 -12.05
N PRO A 162 -17.33 7.20 -11.72
CA PRO A 162 -18.10 5.95 -11.87
C PRO A 162 -18.00 5.32 -13.26
N LYS A 163 -17.97 3.97 -13.29
CA LYS A 163 -17.84 3.11 -14.47
C LYS A 163 -16.41 3.12 -15.06
N LYS A 164 -15.57 4.11 -14.68
CA LYS A 164 -14.18 4.26 -15.14
C LYS A 164 -13.22 4.25 -13.92
N ARG A 165 -13.42 3.23 -13.04
CA ARG A 165 -12.72 3.06 -11.77
C ARG A 165 -11.94 1.77 -11.58
N TYR A 166 -12.15 0.76 -12.43
CA TYR A 166 -11.41 -0.48 -12.26
C TYR A 166 -10.56 -0.87 -13.44
N TRP A 167 -9.31 -1.24 -13.15
CA TRP A 167 -8.35 -1.74 -14.12
C TRP A 167 -8.25 -3.25 -13.93
N LEU A 168 -8.16 -4.00 -15.04
CA LEU A 168 -8.03 -5.47 -15.01
C LEU A 168 -6.60 -5.85 -15.36
N PHE A 169 -5.92 -6.63 -14.50
CA PHE A 169 -4.56 -7.08 -14.74
C PHE A 169 -4.71 -8.56 -15.09
N LYS A 170 -4.50 -8.93 -16.37
CA LYS A 170 -4.71 -10.33 -16.78
C LYS A 170 -3.47 -11.01 -17.29
N GLY A 171 -3.19 -12.20 -16.77
CA GLY A 171 -2.05 -12.98 -17.21
C GLY A 171 -1.73 -14.23 -16.41
N PRO A 172 -0.77 -15.06 -16.90
CA PRO A 172 -0.40 -16.27 -16.14
C PRO A 172 0.39 -15.95 -14.88
N ILE A 173 0.73 -16.99 -14.11
CA ILE A 173 1.48 -16.84 -12.88
C ILE A 173 2.91 -16.37 -13.25
N ASP A 174 3.55 -15.58 -12.37
CA ASP A 174 4.90 -15.05 -12.58
C ASP A 174 4.99 -14.23 -13.89
N SER A 175 4.09 -13.26 -14.02
CA SER A 175 3.95 -12.37 -15.16
C SER A 175 4.12 -10.92 -14.74
N GLY A 176 4.01 -10.66 -13.44
CA GLY A 176 4.18 -9.33 -12.88
C GLY A 176 2.92 -8.67 -12.37
N LYS A 177 1.73 -9.25 -12.72
CA LYS A 177 0.40 -8.73 -12.35
C LYS A 177 0.17 -8.60 -10.82
N THR A 178 0.59 -9.61 -10.06
CA THR A 178 0.44 -9.65 -8.61
C THR A 178 1.36 -8.62 -7.98
N THR A 179 2.65 -8.67 -8.35
CA THR A 179 3.69 -7.76 -7.88
C THR A 179 3.30 -6.30 -8.04
N LEU A 180 2.84 -5.90 -9.24
CA LEU A 180 2.44 -4.52 -9.56
C LEU A 180 1.18 -4.12 -8.81
N ALA A 181 0.18 -5.03 -8.73
CA ALA A 181 -1.08 -4.78 -8.01
C ALA A 181 -0.79 -4.56 -6.53
N ALA A 182 0.15 -5.35 -5.99
CA ALA A 182 0.59 -5.27 -4.59
C ALA A 182 1.30 -3.94 -4.35
N ALA A 183 2.21 -3.56 -5.29
CA ALA A 183 3.02 -2.35 -5.29
C ALA A 183 2.13 -1.11 -5.29
N LEU A 184 1.10 -1.08 -6.18
CA LEU A 184 0.13 0.00 -6.27
C LEU A 184 -0.78 0.05 -5.04
N LEU A 185 -1.18 -1.12 -4.50
CA LEU A 185 -2.00 -1.27 -3.29
C LEU A 185 -1.23 -0.69 -2.09
N ASP A 186 0.07 -0.94 -2.03
CA ASP A 186 0.92 -0.35 -1.00
C ASP A 186 1.14 1.15 -1.28
N LEU A 187 1.17 1.57 -2.57
CA LEU A 187 1.37 2.97 -2.95
C LEU A 187 0.20 3.82 -2.48
N CYS A 188 -1.07 3.40 -2.75
CA CYS A 188 -2.29 4.14 -2.40
C CYS A 188 -2.81 3.90 -1.00
N GLY A 189 -2.51 2.73 -0.44
CA GLY A 189 -3.07 2.35 0.84
C GLY A 189 -4.40 1.67 0.57
N GLY A 190 -4.70 0.66 1.37
CA GLY A 190 -5.92 -0.11 1.17
C GLY A 190 -5.75 -1.58 1.42
N LYS A 191 -6.79 -2.36 1.08
CA LYS A 191 -6.84 -3.80 1.32
C LYS A 191 -7.06 -4.67 0.07
N SER A 192 -6.57 -5.91 0.15
CA SER A 192 -6.77 -6.94 -0.86
C SER A 192 -7.93 -7.77 -0.36
N LEU A 193 -8.76 -8.25 -1.29
CA LEU A 193 -9.96 -9.01 -1.01
C LEU A 193 -9.97 -10.32 -1.79
N ASN A 194 -10.51 -11.37 -1.15
CA ASN A 194 -10.69 -12.70 -1.72
C ASN A 194 -12.18 -13.00 -1.97
N VAL A 195 -12.65 -12.81 -3.21
CA VAL A 195 -14.04 -13.08 -3.60
C VAL A 195 -14.22 -14.51 -4.17
N ASN A 196 -13.28 -15.45 -3.91
CA ASN A 196 -13.39 -16.83 -4.41
C ASN A 196 -14.34 -17.70 -3.56
N MET A 197 -14.61 -17.26 -2.32
CA MET A 197 -15.56 -17.86 -1.37
C MET A 197 -16.99 -17.70 -1.93
N PRO A 198 -17.98 -18.55 -1.54
CA PRO A 198 -19.35 -18.37 -2.09
C PRO A 198 -20.06 -17.13 -1.58
N LEU A 199 -21.08 -16.63 -2.33
CA LEU A 199 -21.89 -15.44 -2.01
C LEU A 199 -22.28 -15.26 -0.53
N GLU A 200 -22.44 -16.37 0.21
CA GLU A 200 -22.83 -16.41 1.62
C GLU A 200 -21.81 -15.70 2.54
N ARG A 201 -20.54 -16.10 2.44
CA ARG A 201 -19.46 -15.57 3.27
C ARG A 201 -18.81 -14.29 2.68
N LEU A 202 -19.26 -13.89 1.48
CA LEU A 202 -18.81 -12.74 0.70
C LEU A 202 -19.01 -11.41 1.37
N ASN A 203 -20.13 -11.27 2.07
CA ASN A 203 -20.56 -10.04 2.72
C ASN A 203 -19.58 -9.49 3.77
N PHE A 204 -18.97 -10.36 4.59
CA PHE A 204 -17.98 -9.97 5.59
C PHE A 204 -16.63 -9.64 4.93
N GLU A 205 -16.39 -10.18 3.72
CA GLU A 205 -15.19 -9.95 2.94
C GLU A 205 -15.20 -8.57 2.29
N LEU A 206 -16.35 -8.18 1.72
CA LEU A 206 -16.54 -6.87 1.08
C LEU A 206 -16.56 -5.73 2.11
N GLY A 207 -16.82 -6.07 3.38
CA GLY A 207 -16.83 -5.13 4.51
C GLY A 207 -15.44 -4.67 4.88
N VAL A 208 -14.40 -5.46 4.52
CA VAL A 208 -12.98 -5.13 4.74
C VAL A 208 -12.66 -3.82 3.96
N GLY A 209 -13.46 -3.55 2.93
CA GLY A 209 -13.42 -2.36 2.08
C GLY A 209 -13.87 -1.06 2.72
N ILE A 210 -14.46 -1.12 3.94
CA ILE A 210 -14.91 0.07 4.67
C ILE A 210 -13.74 1.05 4.91
N ASP A 211 -13.95 2.33 4.50
CA ASP A 211 -13.02 3.48 4.60
C ASP A 211 -11.72 3.31 3.80
N GLN A 212 -11.62 2.24 2.99
CA GLN A 212 -10.42 1.99 2.22
C GLN A 212 -10.36 2.91 0.99
N PHE A 213 -9.17 3.45 0.68
CA PHE A 213 -8.96 4.35 -0.44
C PHE A 213 -9.02 3.59 -1.78
N MET A 214 -8.71 2.30 -1.74
CA MET A 214 -8.72 1.38 -2.87
C MET A 214 -8.69 -0.07 -2.37
N VAL A 215 -9.11 -1.01 -3.26
CA VAL A 215 -9.12 -2.45 -3.04
C VAL A 215 -8.52 -3.20 -4.24
N VAL A 216 -8.00 -4.42 -4.00
CA VAL A 216 -7.47 -5.33 -5.03
C VAL A 216 -8.21 -6.62 -4.84
N PHE A 217 -8.93 -7.09 -5.86
CA PHE A 217 -9.64 -8.37 -5.83
C PHE A 217 -8.60 -9.29 -6.37
N GLU A 218 -7.78 -9.86 -5.47
CA GLU A 218 -6.61 -10.64 -5.84
C GLU A 218 -6.94 -12.07 -6.23
N ASP A 219 -6.43 -12.46 -7.43
CA ASP A 219 -6.51 -13.79 -8.03
C ASP A 219 -7.94 -14.36 -8.17
N VAL A 220 -8.78 -13.62 -8.89
CA VAL A 220 -10.17 -13.97 -9.13
C VAL A 220 -10.22 -15.20 -10.08
N LYS A 221 -10.98 -16.25 -9.69
CA LYS A 221 -11.07 -17.50 -10.45
C LYS A 221 -12.42 -17.66 -11.15
N GLY A 222 -12.39 -18.25 -12.33
CA GLY A 222 -13.55 -18.57 -13.14
C GLY A 222 -13.72 -20.07 -13.25
N THR A 223 -14.71 -20.53 -14.01
CA THR A 223 -14.94 -21.97 -14.16
C THR A 223 -14.51 -22.45 -15.57
N GLY A 224 -14.76 -23.74 -15.87
CA GLY A 224 -14.46 -24.39 -17.14
C GLY A 224 -13.12 -24.05 -17.75
N ALA A 225 -12.05 -24.09 -16.93
CA ALA A 225 -10.70 -23.78 -17.33
C ALA A 225 -9.69 -24.79 -16.79
N GLU A 226 -10.18 -25.92 -16.26
CA GLU A 226 -9.38 -27.07 -15.78
C GLU A 226 -8.46 -27.64 -16.89
N SER A 227 -8.91 -27.52 -18.16
CA SER A 227 -8.23 -27.91 -19.40
C SER A 227 -7.02 -27.01 -19.72
N ARG A 228 -6.97 -25.80 -19.13
CA ARG A 228 -5.89 -24.84 -19.29
C ARG A 228 -4.99 -24.87 -18.06
N ASP A 229 -5.23 -25.83 -17.15
CA ASP A 229 -4.54 -26.02 -15.87
C ASP A 229 -4.82 -24.83 -14.94
N LEU A 230 -6.09 -24.36 -14.98
CA LEU A 230 -6.58 -23.25 -14.17
C LEU A 230 -7.65 -23.77 -13.19
N PRO A 231 -7.45 -23.54 -11.86
CA PRO A 231 -8.44 -24.04 -10.87
C PRO A 231 -9.74 -23.25 -10.85
N SER A 232 -10.86 -23.94 -10.57
CA SER A 232 -12.18 -23.34 -10.48
C SER A 232 -12.38 -22.58 -9.16
N GLY A 233 -13.17 -21.52 -9.23
CA GLY A 233 -13.53 -20.66 -8.10
C GLY A 233 -14.74 -19.84 -8.45
N HIS A 234 -15.40 -19.25 -7.44
CA HIS A 234 -16.62 -18.46 -7.60
C HIS A 234 -16.39 -16.99 -8.03
N GLY A 235 -15.17 -16.50 -7.82
CA GLY A 235 -14.71 -15.14 -8.09
C GLY A 235 -15.23 -14.39 -9.30
N ILE A 236 -15.23 -15.02 -10.50
CA ILE A 236 -15.67 -14.37 -11.75
C ILE A 236 -17.18 -14.09 -11.77
N SER A 237 -18.00 -15.09 -11.41
CA SER A 237 -19.45 -14.97 -11.37
C SER A 237 -19.87 -13.96 -10.30
N ASN A 238 -19.26 -14.05 -9.09
CA ASN A 238 -19.50 -13.16 -7.95
C ASN A 238 -19.31 -11.71 -8.39
N LEU A 239 -18.19 -11.41 -9.11
CA LEU A 239 -17.86 -10.10 -9.63
C LEU A 239 -18.94 -9.54 -10.57
N ASP A 240 -19.66 -10.42 -11.32
CA ASP A 240 -20.77 -10.01 -12.21
C ASP A 240 -21.94 -9.49 -11.36
N CYS A 241 -22.20 -10.16 -10.22
CA CYS A 241 -23.25 -9.83 -9.26
C CYS A 241 -22.92 -8.58 -8.43
N LEU A 242 -21.62 -8.23 -8.33
CA LEU A 242 -21.16 -7.07 -7.57
C LEU A 242 -21.03 -5.81 -8.45
N ARG A 243 -21.94 -5.67 -9.43
CA ARG A 243 -22.01 -4.58 -10.40
C ARG A 243 -22.01 -3.21 -9.72
N ASP A 244 -22.83 -3.05 -8.65
CA ASP A 244 -23.02 -1.83 -7.86
C ASP A 244 -21.73 -1.34 -7.20
N TYR A 245 -20.94 -2.30 -6.72
CA TYR A 245 -19.68 -2.11 -6.02
C TYR A 245 -18.59 -1.63 -6.99
N LEU A 246 -18.44 -2.34 -8.13
CA LEU A 246 -17.46 -2.03 -9.16
C LEU A 246 -17.80 -0.75 -9.93
N ASP A 247 -19.11 -0.43 -10.11
CA ASP A 247 -19.50 0.77 -10.87
C ASP A 247 -19.41 2.05 -10.04
N GLY A 248 -19.78 1.99 -8.76
CA GLY A 248 -19.68 3.14 -7.85
C GLY A 248 -20.42 4.39 -8.25
N SER A 249 -21.70 4.22 -8.63
CA SER A 249 -22.63 5.28 -9.01
C SER A 249 -23.56 5.47 -7.79
N VAL A 250 -23.89 4.35 -7.14
CA VAL A 250 -24.74 4.26 -5.94
C VAL A 250 -23.88 3.77 -4.76
N LYS A 251 -24.28 4.17 -3.55
CA LYS A 251 -23.63 3.73 -2.31
C LYS A 251 -24.12 2.29 -2.03
N VAL A 252 -23.31 1.50 -1.29
CA VAL A 252 -23.60 0.11 -0.95
C VAL A 252 -23.51 -0.14 0.56
N ASN A 253 -24.28 -1.13 1.09
CA ASN A 253 -24.29 -1.45 2.52
C ASN A 253 -23.32 -2.58 2.83
N LEU A 254 -22.14 -2.19 3.33
CA LEU A 254 -21.04 -3.10 3.68
C LEU A 254 -21.12 -3.52 5.15
N GLU A 255 -20.91 -4.83 5.41
CA GLU A 255 -20.99 -5.41 6.77
C GLU A 255 -19.67 -5.97 7.31
N ARG A 256 -19.49 -5.84 8.64
CA ARG A 256 -18.37 -6.33 9.45
C ARG A 256 -18.89 -6.52 10.88
N LYS A 257 -18.20 -7.35 11.68
CA LYS A 257 -18.58 -7.71 13.06
C LYS A 257 -18.70 -6.53 14.04
N HIS A 258 -19.68 -6.65 14.97
CA HIS A 258 -20.03 -5.72 16.07
C HIS A 258 -20.09 -4.23 15.61
N GLN A 259 -20.75 -3.99 14.46
CA GLN A 259 -20.86 -2.67 13.85
C GLN A 259 -22.12 -2.58 12.98
N ASN A 260 -22.79 -1.40 13.01
CA ASN A 260 -23.95 -1.08 12.18
C ASN A 260 -23.43 -0.95 10.72
N LYS A 261 -24.03 -1.73 9.79
CA LYS A 261 -23.64 -1.82 8.38
C LYS A 261 -23.44 -0.45 7.70
N ARG A 262 -22.17 -0.18 7.32
CA ARG A 262 -21.72 1.08 6.71
C ARG A 262 -22.21 1.28 5.28
N THR A 263 -22.69 2.49 4.99
CA THR A 263 -23.14 2.88 3.66
C THR A 263 -22.14 3.89 3.03
N GLN A 264 -21.66 3.57 1.82
CA GLN A 264 -20.67 4.37 1.08
C GLN A 264 -20.53 3.86 -0.33
N VAL A 265 -19.90 4.66 -1.19
CA VAL A 265 -19.57 4.24 -2.55
C VAL A 265 -18.35 3.33 -2.34
N PHE A 266 -18.50 2.01 -2.63
CA PHE A 266 -17.45 1.00 -2.50
C PHE A 266 -16.15 1.52 -3.13
N PRO A 267 -14.92 1.20 -2.61
CA PRO A 267 -13.70 1.79 -3.21
C PRO A 267 -13.36 1.33 -4.64
N PRO A 268 -12.55 2.12 -5.40
CA PRO A 268 -12.10 1.65 -6.71
C PRO A 268 -10.83 0.79 -6.53
N GLY A 269 -10.19 0.38 -7.61
CA GLY A 269 -8.97 -0.41 -7.52
C GLY A 269 -8.68 -1.30 -8.70
N ILE A 270 -8.18 -2.51 -8.39
CA ILE A 270 -7.77 -3.52 -9.38
C ILE A 270 -8.46 -4.89 -9.11
N VAL A 271 -8.60 -5.67 -10.17
CA VAL A 271 -8.99 -7.06 -10.22
C VAL A 271 -7.78 -7.81 -10.92
N THR A 272 -7.22 -8.86 -10.27
CA THR A 272 -6.18 -9.68 -10.91
C THR A 272 -6.77 -11.08 -11.15
N MET A 273 -6.40 -11.72 -12.26
CA MET A 273 -6.90 -13.05 -12.64
C MET A 273 -6.02 -13.73 -13.70
N ASN A 274 -6.16 -15.06 -13.87
CA ASN A 274 -5.43 -15.73 -14.93
C ASN A 274 -6.17 -15.56 -16.27
N GLU A 275 -5.74 -16.27 -17.32
CA GLU A 275 -6.29 -16.15 -18.67
C GLU A 275 -7.63 -16.89 -18.82
N TYR A 276 -8.60 -16.51 -17.96
CA TYR A 276 -9.97 -16.99 -17.98
C TYR A 276 -10.74 -16.07 -18.93
N SER A 277 -11.79 -16.59 -19.58
CA SER A 277 -12.68 -15.79 -20.44
C SER A 277 -13.50 -14.89 -19.53
N VAL A 278 -13.52 -13.59 -19.82
CA VAL A 278 -14.27 -12.60 -19.03
C VAL A 278 -15.67 -12.43 -19.63
N PRO A 279 -16.77 -12.65 -18.84
CA PRO A 279 -18.12 -12.48 -19.39
C PRO A 279 -18.33 -11.04 -19.87
N ARG A 280 -19.01 -10.89 -21.03
CA ARG A 280 -19.26 -9.61 -21.70
C ARG A 280 -19.66 -8.48 -20.74
N THR A 281 -20.55 -8.78 -19.78
CA THR A 281 -21.09 -7.87 -18.77
C THR A 281 -20.03 -7.37 -17.77
N LEU A 282 -19.12 -8.27 -17.30
CA LEU A 282 -18.04 -7.94 -16.36
C LEU A 282 -16.87 -7.26 -17.10
N GLN A 283 -16.75 -7.48 -18.42
CA GLN A 283 -15.69 -6.87 -19.23
C GLN A 283 -15.88 -5.35 -19.35
N ALA A 284 -17.15 -4.89 -19.51
CA ALA A 284 -17.52 -3.47 -19.63
C ALA A 284 -17.38 -2.69 -18.31
N ARG A 285 -17.17 -3.40 -17.19
CA ARG A 285 -17.01 -2.81 -15.86
C ARG A 285 -15.60 -2.25 -15.69
N PHE A 286 -14.64 -2.69 -16.54
CA PHE A 286 -13.24 -2.26 -16.50
C PHE A 286 -12.93 -1.26 -17.59
N VAL A 287 -12.39 -0.11 -17.18
CA VAL A 287 -12.01 0.98 -18.08
C VAL A 287 -10.77 0.57 -18.88
N ARG A 288 -9.82 -0.11 -18.24
CA ARG A 288 -8.57 -0.53 -18.84
C ARG A 288 -8.27 -1.98 -18.48
N GLN A 289 -7.62 -2.68 -19.41
CA GLN A 289 -7.15 -4.04 -19.22
C GLN A 289 -5.67 -4.12 -19.63
N ILE A 290 -4.82 -4.53 -18.69
CA ILE A 290 -3.41 -4.67 -18.96
C ILE A 290 -3.05 -6.13 -18.95
N ASP A 291 -2.55 -6.62 -20.10
CA ASP A 291 -2.13 -7.99 -20.33
C ASP A 291 -0.67 -8.18 -19.94
N PHE A 292 -0.41 -9.12 -19.02
CA PHE A 292 0.95 -9.40 -18.55
C PHE A 292 1.36 -10.78 -19.02
N ARG A 293 2.56 -10.87 -19.57
CA ARG A 293 3.10 -12.12 -20.09
C ARG A 293 4.48 -12.37 -19.47
N PRO A 294 4.82 -13.63 -19.08
CA PRO A 294 6.16 -13.88 -18.51
C PRO A 294 7.24 -13.67 -19.56
N LYS A 295 8.18 -12.79 -19.22
CA LYS A 295 9.34 -12.45 -20.05
C LYS A 295 10.52 -13.13 -19.39
N ALA A 296 11.23 -13.95 -20.15
CA ALA A 296 12.37 -14.71 -19.64
C ALA A 296 13.44 -13.79 -19.04
N TYR A 297 13.74 -12.63 -19.71
CA TYR A 297 14.76 -11.66 -19.27
C TYR A 297 14.47 -11.06 -17.89
N LEU A 298 13.19 -10.84 -17.57
CA LEU A 298 12.72 -10.34 -16.27
C LEU A 298 12.89 -11.36 -15.13
N ARG A 299 12.64 -12.64 -15.41
CA ARG A 299 12.80 -13.71 -14.43
C ARG A 299 14.30 -14.01 -14.13
N LYS A 300 15.13 -14.10 -15.19
CA LYS A 300 16.56 -14.36 -15.05
C LYS A 300 17.24 -13.20 -14.30
N SER A 301 16.86 -11.96 -14.66
CA SER A 301 17.35 -10.70 -14.07
C SER A 301 17.17 -10.75 -12.56
N LEU A 302 15.95 -11.10 -12.12
CA LEU A 302 15.51 -11.26 -10.75
C LEU A 302 16.30 -12.39 -10.08
N SER A 303 16.45 -13.55 -10.77
CA SER A 303 17.26 -14.70 -10.30
C SER A 303 18.71 -14.27 -10.03
N CYS A 304 19.17 -13.21 -10.72
CA CYS A 304 20.52 -12.63 -10.62
C CYS A 304 20.56 -11.49 -9.61
N SER A 305 19.39 -10.92 -9.29
CA SER A 305 19.25 -9.79 -8.37
C SER A 305 18.46 -10.19 -7.14
N GLU A 306 19.01 -11.18 -6.39
CA GLU A 306 18.45 -11.84 -5.20
C GLU A 306 17.86 -10.89 -4.15
N TYR A 307 18.55 -9.76 -3.88
CA TYR A 307 18.14 -8.68 -2.96
C TYR A 307 16.69 -8.22 -3.21
N LEU A 308 16.23 -8.21 -4.48
CA LEU A 308 14.87 -7.77 -4.81
C LEU A 308 13.78 -8.63 -4.15
N LEU A 309 13.97 -9.96 -4.12
CA LEU A 309 13.03 -10.85 -3.45
C LEU A 309 13.25 -10.76 -1.94
N GLU A 310 14.47 -11.05 -1.47
CA GLU A 310 14.87 -11.03 -0.05
C GLU A 310 14.35 -9.84 0.73
N LYS A 311 14.31 -8.65 0.11
CA LYS A 311 13.91 -7.40 0.77
C LYS A 311 12.52 -6.92 0.39
N ARG A 312 11.82 -7.68 -0.49
CA ARG A 312 10.45 -7.41 -0.95
C ARG A 312 10.30 -5.99 -1.59
N ILE A 313 11.31 -5.63 -2.40
CA ILE A 313 11.46 -4.33 -3.07
C ILE A 313 10.37 -4.12 -4.15
N LEU A 314 10.08 -5.14 -5.00
CA LEU A 314 9.13 -5.02 -6.11
C LEU A 314 7.65 -4.88 -5.69
N GLN A 315 7.31 -5.35 -4.50
CA GLN A 315 5.95 -5.28 -3.93
C GLN A 315 5.82 -3.98 -3.12
N SER A 316 6.93 -3.24 -2.92
CA SER A 316 6.95 -2.03 -2.09
C SER A 316 6.37 -0.78 -2.80
N GLY A 317 5.55 -0.02 -2.06
CA GLY A 317 4.95 1.22 -2.54
C GLY A 317 5.97 2.33 -2.53
N MET A 318 7.04 2.16 -1.72
CA MET A 318 8.20 3.08 -1.63
C MET A 318 8.97 2.99 -2.93
N THR A 319 9.00 1.79 -3.54
CA THR A 319 9.64 1.50 -4.81
C THR A 319 8.92 2.26 -5.94
N LEU A 320 7.58 2.31 -5.90
CA LEU A 320 6.83 3.07 -6.90
C LEU A 320 6.95 4.56 -6.65
N LEU A 321 7.11 4.95 -5.37
CA LEU A 321 7.28 6.36 -5.01
C LEU A 321 8.67 6.80 -5.46
N LEU A 322 9.71 5.94 -5.26
CA LEU A 322 11.08 6.19 -5.72
C LEU A 322 11.10 6.38 -7.21
N LEU A 323 10.31 5.56 -7.95
CA LEU A 323 10.11 5.60 -9.40
C LEU A 323 9.56 6.99 -9.82
N LEU A 324 8.46 7.42 -9.19
CA LEU A 324 7.85 8.72 -9.51
C LEU A 324 8.76 9.90 -9.22
N ILE A 325 9.52 9.84 -8.12
CA ILE A 325 10.50 10.87 -7.70
C ILE A 325 11.64 10.96 -8.72
N TRP A 326 12.07 9.80 -9.27
CA TRP A 326 13.11 9.72 -10.30
C TRP A 326 12.61 10.21 -11.68
N PHE A 327 11.41 9.75 -12.14
CA PHE A 327 10.87 10.08 -13.45
C PHE A 327 10.15 11.39 -13.58
N ARG A 328 9.41 11.81 -12.54
CA ARG A 328 8.57 13.01 -12.62
C ARG A 328 9.13 14.26 -11.92
N PRO A 329 8.92 15.45 -12.53
CA PRO A 329 9.34 16.71 -11.88
C PRO A 329 8.50 17.01 -10.63
N VAL A 330 9.02 17.87 -9.71
CA VAL A 330 8.36 18.29 -8.46
C VAL A 330 6.88 18.73 -8.68
N ALA A 331 6.56 19.40 -9.82
CA ALA A 331 5.22 19.85 -10.18
C ALA A 331 4.15 18.74 -10.31
N ASP A 332 4.54 17.49 -10.62
CA ASP A 332 3.59 16.38 -10.76
C ASP A 332 3.06 15.86 -9.42
N PHE A 333 3.54 16.44 -8.31
CA PHE A 333 3.18 16.10 -6.94
C PHE A 333 2.42 17.26 -6.30
N ALA A 334 1.59 16.96 -5.29
CA ALA A 334 0.86 18.02 -4.61
C ALA A 334 1.84 18.97 -3.92
N ALA A 335 1.48 20.27 -3.86
CA ALA A 335 2.30 21.33 -3.27
C ALA A 335 2.77 21.01 -1.83
N ALA A 336 1.92 20.24 -1.08
CA ALA A 336 2.12 19.81 0.31
C ALA A 336 3.35 18.89 0.57
N ILE A 337 3.95 18.34 -0.49
CA ILE A 337 5.12 17.46 -0.35
C ILE A 337 6.30 17.88 -1.25
N HIS A 338 6.25 19.08 -1.85
CA HIS A 338 7.28 19.63 -2.76
C HIS A 338 8.70 19.68 -2.17
N GLU A 339 8.88 20.16 -0.91
CA GLU A 339 10.15 20.22 -0.18
C GLU A 339 10.71 18.81 0.05
N ARG A 340 9.82 17.84 0.36
CA ARG A 340 10.12 16.42 0.56
C ARG A 340 10.55 15.77 -0.76
N ILE A 341 10.00 16.25 -1.91
CA ILE A 341 10.32 15.69 -3.23
C ILE A 341 11.72 16.12 -3.63
N VAL A 342 12.02 17.43 -3.46
CA VAL A 342 13.30 18.06 -3.77
C VAL A 342 14.44 17.35 -3.04
N GLN A 343 14.24 17.06 -1.73
CA GLN A 343 15.21 16.38 -0.87
C GLN A 343 15.51 14.96 -1.35
N TRP A 344 14.48 14.23 -1.77
CA TRP A 344 14.64 12.89 -2.29
C TRP A 344 15.30 12.90 -3.64
N LYS A 345 15.03 13.97 -4.44
CA LYS A 345 15.62 14.15 -5.77
C LYS A 345 17.14 14.37 -5.69
N GLU A 346 17.60 15.15 -4.68
CA GLU A 346 19.02 15.42 -4.41
C GLU A 346 19.73 14.11 -3.98
N ARG A 347 19.12 13.36 -3.05
CA ARG A 347 19.58 12.09 -2.51
C ARG A 347 19.75 11.04 -3.62
N LEU A 348 18.70 10.86 -4.47
CA LEU A 348 18.73 9.92 -5.59
C LEU A 348 19.82 10.28 -6.60
N ASP A 349 20.05 11.59 -6.84
CA ASP A 349 21.06 12.12 -7.76
C ASP A 349 22.45 11.71 -7.37
N LEU A 350 22.72 11.69 -6.06
CA LEU A 350 24.00 11.30 -5.48
C LEU A 350 24.32 9.82 -5.74
N GLU A 351 23.29 8.96 -5.76
CA GLU A 351 23.38 7.51 -5.94
C GLU A 351 23.28 7.03 -7.38
N ILE A 352 22.45 7.68 -8.20
CA ILE A 352 22.22 7.23 -9.57
C ILE A 352 22.08 8.43 -10.54
N SER A 353 22.31 8.16 -11.85
CA SER A 353 22.19 9.12 -12.95
C SER A 353 21.35 8.49 -14.09
N MET A 354 20.83 9.32 -15.02
CA MET A 354 20.03 8.86 -16.18
C MET A 354 20.81 7.85 -17.03
N TYR A 355 22.12 8.07 -17.16
CA TYR A 355 23.05 7.18 -17.84
C TYR A 355 23.12 5.83 -17.08
N THR A 356 23.35 5.83 -15.73
CA THR A 356 23.44 4.59 -14.95
C THR A 356 22.12 3.87 -14.82
N PHE A 357 21.00 4.62 -14.81
CA PHE A 357 19.67 4.04 -14.73
C PHE A 357 19.40 3.26 -16.01
N SER A 358 19.65 3.88 -17.17
CA SER A 358 19.52 3.33 -18.51
C SER A 358 20.35 2.05 -18.66
N THR A 359 21.52 1.99 -17.96
CA THR A 359 22.39 0.83 -17.96
C THR A 359 21.70 -0.28 -17.15
N MET A 360 21.06 0.06 -16.03
CA MET A 360 20.33 -0.89 -15.19
C MET A 360 19.22 -1.54 -15.99
N LYS A 361 18.43 -0.74 -16.78
CA LYS A 361 17.35 -1.20 -17.65
C LYS A 361 17.90 -2.15 -18.76
N ALA A 362 19.07 -1.82 -19.31
CA ALA A 362 19.79 -2.57 -20.33
C ALA A 362 20.21 -3.94 -19.77
N ASN A 363 20.61 -3.97 -18.46
CA ASN A 363 20.99 -5.18 -17.73
C ASN A 363 19.78 -6.07 -17.49
N VAL A 364 18.58 -5.45 -17.33
CA VAL A 364 17.31 -6.19 -17.17
C VAL A 364 17.00 -6.87 -18.51
N GLY A 365 17.16 -6.12 -19.61
CA GLY A 365 16.89 -6.55 -20.98
C GLY A 365 17.75 -7.70 -21.49
N MET A 366 18.91 -7.92 -20.85
CA MET A 366 19.85 -8.99 -21.19
C MET A 366 19.72 -10.10 -20.14
N GLY A 367 18.85 -9.91 -19.17
CA GLY A 367 18.62 -10.85 -18.07
C GLY A 367 19.83 -11.06 -17.17
N ALA A 368 20.65 -10.02 -17.02
CA ALA A 368 21.86 -10.03 -16.21
C ALA A 368 21.60 -9.36 -14.85
N PRO A 369 22.44 -9.55 -13.78
CA PRO A 369 22.21 -8.82 -12.53
C PRO A 369 22.23 -7.34 -12.83
N ILE A 370 21.18 -6.66 -12.38
CA ILE A 370 20.89 -5.24 -12.63
C ILE A 370 22.05 -4.32 -12.17
N LEU A 371 22.63 -4.61 -11.02
CA LEU A 371 23.77 -3.88 -10.49
C LEU A 371 25.04 -4.69 -10.80
N ASP A 372 26.05 -4.03 -11.38
CA ASP A 372 27.33 -4.63 -11.78
C ASP A 372 28.42 -4.53 -10.71
ZN ZN B . 14.02 5.30 23.40
O1 MES C . 15.46 14.45 -9.78
C2 MES C . 16.00 15.45 -10.64
C3 MES C . 17.27 14.99 -11.32
N4 MES C . 17.05 13.72 -12.06
C5 MES C . 16.41 12.73 -11.18
C6 MES C . 15.18 13.27 -10.53
C7 MES C . 18.29 13.17 -12.66
C8 MES C . 19.34 14.13 -13.16
S MES C . 20.55 13.47 -14.19
O1S MES C . 20.75 12.09 -13.78
O2S MES C . 20.05 13.60 -15.55
O3S MES C . 21.74 14.27 -13.96
H21 MES C . 15.19 15.67 -11.34
H22 MES C . 16.14 16.38 -10.09
H31 MES C . 17.58 15.76 -12.03
H32 MES C . 18.10 14.93 -10.63
H51 MES C . 16.19 11.84 -11.77
H52 MES C . 17.10 12.38 -10.41
H61 MES C . 14.42 13.58 -11.25
H62 MES C . 14.69 12.54 -9.90
H71 MES C . 18.80 12.56 -11.92
H72 MES C . 18.08 12.46 -13.46
H81 MES C . 19.74 14.70 -12.33
H82 MES C . 18.84 14.95 -13.69
S SO4 D . -1.60 -0.76 12.41
O1 SO4 D . -1.96 -0.55 13.80
O2 SO4 D . -1.21 0.54 11.86
O3 SO4 D . -2.73 -1.37 11.68
O4 SO4 D . -0.45 -1.67 12.37
S SO4 E . 3.68 -12.11 -10.42
O1 SO4 E . 3.77 -13.03 -9.27
O2 SO4 E . 3.44 -10.78 -9.95
O3 SO4 E . 2.58 -12.52 -11.30
O4 SO4 E . 4.94 -12.09 -11.16
C4 6JG F . 11.55 -15.68 -9.01
C5 6JG F . 10.31 -15.84 -9.63
C6 6JG F . 9.72 -17.09 -9.68
N1 6JG F . 7.85 -11.54 -12.27
C7 6JG F . 10.36 -18.18 -9.13
C8 6JG F . 8.96 -13.78 -9.50
N2 6JG F . 8.21 -12.17 -16.40
C9 6JG F . 8.86 -13.88 -8.12
C10 6JG F . 8.21 -12.88 -7.41
C11 6JG F . 7.69 -11.78 -8.07
C12 6JG F . 7.78 -11.69 -9.45
C13 6JG F . 8.40 -12.70 -10.20
C14 6JG F . 8.39 -12.56 -11.66
C15 6JG F . 7.96 -11.67 -13.66
O 6JG F . 10.65 -20.18 -6.76
C1 6JG F . 11.82 -20.11 -7.11
C 6JG F . 12.84 -21.11 -6.66
N 6JG F . 12.29 -19.14 -7.93
C2 6JG F . 11.59 -18.03 -8.49
C3 6JG F . 12.18 -16.77 -8.44
O1 6JG F . 9.67 -14.76 -10.23
S 6JG F . 9.09 -13.78 -12.72
C19 6JG F . 8.59 -12.84 -14.09
C18 6JG F . 8.70 -13.03 -15.49
C17 6JG F . 7.61 -11.07 -15.95
C16 6JG F . 7.47 -10.77 -14.60
#